data_6ORA
#
_entry.id   6ORA
#
_cell.length_a   53.052
_cell.length_b   52.134
_cell.length_c   97.803
_cell.angle_alpha   90.00
_cell.angle_beta   96.27
_cell.angle_gamma   90.00
#
_symmetry.space_group_name_H-M   'P 1 21 1'
#
loop_
_entity.id
_entity.type
_entity.pdbx_description
1 polymer 'Quinolinate synthase A'
2 non-polymer 'IRON/SULFUR CLUSTER'
3 non-polymer 'ACETATE ION'
4 non-polymer '(2~{Z})-2-(1-oxidanyl-3-oxidanylidene-propyl)iminobutanedioic acid'
5 non-polymer 'CHLORIDE ION'
6 non-polymer '2-hydroxy-N-[(1S)-1-hydroxy-3-oxopropyl]-L-aspartic acid'
7 water water
#
_entity_poly.entity_id   1
_entity_poly.type   'polypeptide(L)'
_entity_poly.pdbx_seq_one_letter_code
;MDLVEEILRLKEERNAIILAHNYQLPEVQDIADFIGDSLELARRATRVDADVIVFAGVDFMAETAKILNPDKVVLIPSRE
ATCAMANMLKVEHILEAKRKYPNAPVVLYVNSTAEAKAYADVTVTSANAVEVVKKLDSDVVIFGPDKNLAHYVAKMTGKK
IIPVPSKGHCYVHQKFTLDDVERAKKLHPNAKLMIHPQCIPEVQEKADIIASTGGMIKRACEWDEWVVFTEREMVYRLRK
LYPQKKFYPAREDAFCIGMKAITLKNIYESLKDMKYKVEVPEEIARKARKAIERMLEMSK
;
_entity_poly.pdbx_strand_id   A,B
#
loop_
_chem_comp.id
_chem_comp.type
_chem_comp.name
_chem_comp.formula
5XR non-polymer '2-hydroxy-N-[(1S)-1-hydroxy-3-oxopropyl]-L-aspartic acid' 'C7 H11 N O7'
5XW non-polymer '(2~{Z})-2-(1-oxidanyl-3-oxidanylidene-propyl)iminobutanedioic acid' 'C7 H9 N O6'
ACT non-polymer 'ACETATE ION' 'C2 H3 O2 -1'
CL non-polymer 'CHLORIDE ION' 'Cl -1'
SF4 non-polymer 'IRON/SULFUR CLUSTER' 'Fe4 S4'
#
# COMPACT_ATOMS: atom_id res chain seq x y z
N MET A 1 7.84 19.92 36.55
CA MET A 1 8.45 19.06 35.54
C MET A 1 8.32 19.68 34.14
N ASP A 2 9.37 19.51 33.32
CA ASP A 2 9.36 19.97 31.94
C ASP A 2 8.92 18.81 31.07
N LEU A 3 7.60 18.65 30.91
CA LEU A 3 7.07 17.58 30.09
C LEU A 3 7.48 17.71 28.63
N VAL A 4 7.60 18.94 28.13
CA VAL A 4 7.93 19.14 26.72
C VAL A 4 9.28 18.50 26.39
N GLU A 5 10.30 18.82 27.17
CA GLU A 5 11.63 18.24 26.96
C GLU A 5 11.57 16.72 26.95
N GLU A 6 10.93 16.14 27.98
CA GLU A 6 10.89 14.68 28.08
C GLU A 6 10.09 14.05 26.96
N ILE A 7 9.02 14.70 26.50
CA ILE A 7 8.23 14.13 25.42
C ILE A 7 9.02 14.13 24.12
N LEU A 8 9.77 15.20 23.86
CA LEU A 8 10.51 15.28 22.60
C LEU A 8 11.67 14.29 22.56
N ARG A 9 12.41 14.16 23.66
CA ARG A 9 13.53 13.21 23.69
C ARG A 9 13.03 11.78 23.56
N LEU A 10 11.92 11.45 24.23
CA LEU A 10 11.40 10.10 24.19
C LEU A 10 10.78 9.79 22.83
N LYS A 11 10.13 10.78 22.22
CA LYS A 11 9.58 10.59 20.88
C LYS A 11 10.69 10.33 19.87
N GLU A 12 11.80 11.05 19.98
CA GLU A 12 12.89 10.90 19.03
C GLU A 12 13.63 9.59 19.23
N GLU A 13 13.73 9.12 20.47
CA GLU A 13 14.41 7.86 20.75
C GLU A 13 13.60 6.64 20.32
N ARG A 14 12.28 6.79 20.19
CA ARG A 14 11.40 5.70 19.80
C ARG A 14 11.01 5.76 18.33
N ASN A 15 11.62 6.66 17.56
CA ASN A 15 11.27 6.86 16.16
CA ASN A 15 11.27 6.88 16.15
C ASN A 15 9.76 7.05 16.00
N ALA A 16 9.21 7.93 16.83
CA ALA A 16 7.77 8.19 16.86
C ALA A 16 7.46 9.56 16.28
N ILE A 17 6.22 9.71 15.82
CA ILE A 17 5.69 10.97 15.34
C ILE A 17 4.39 11.25 16.08
N ILE A 18 4.12 12.51 16.38
CA ILE A 18 2.90 12.92 17.06
C ILE A 18 2.00 13.62 16.05
N LEU A 19 0.82 13.07 15.83
CA LEU A 19 -0.19 13.64 14.95
C LEU A 19 -1.34 14.15 15.80
N ALA A 20 -1.64 15.44 15.69
CA ALA A 20 -2.68 16.07 16.50
C ALA A 20 -3.76 16.65 15.60
N HIS A 21 -4.97 16.70 16.15
CA HIS A 21 -6.09 17.36 15.48
C HIS A 21 -6.17 18.81 15.91
N ASN A 22 -6.83 19.62 15.09
CA ASN A 22 -6.97 21.04 15.37
C ASN A 22 -7.71 21.32 16.68
N TYR A 23 -8.45 20.36 17.20
CA TYR A 23 -9.18 20.53 18.46
C TYR A 23 -8.35 20.19 19.68
N GLN A 24 -7.07 19.87 19.51
CA GLN A 24 -6.24 19.52 20.65
C GLN A 24 -5.88 20.76 21.46
N LEU A 25 -5.63 20.56 22.75
CA LEU A 25 -5.20 21.61 23.66
C LEU A 25 -4.03 22.40 23.07
N PRO A 26 -3.91 23.69 23.41
CA PRO A 26 -2.78 24.47 22.88
C PRO A 26 -1.42 23.86 23.22
N GLU A 27 -1.25 23.32 24.42
CA GLU A 27 0.04 22.73 24.79
C GLU A 27 0.31 21.45 24.00
N VAL A 28 -0.74 20.76 23.56
CA VAL A 28 -0.54 19.58 22.73
C VAL A 28 -0.20 19.98 21.30
N GLN A 29 -0.87 20.99 20.77
CA GLN A 29 -0.57 21.45 19.42
C GLN A 29 0.87 21.96 19.31
N ASP A 30 1.40 22.52 20.40
CA ASP A 30 2.76 23.08 20.35
C ASP A 30 3.82 22.00 20.22
N ILE A 31 3.57 20.79 20.72
CA ILE A 31 4.55 19.71 20.60
C ILE A 31 4.28 18.80 19.41
N ALA A 32 3.14 18.94 18.74
CA ALA A 32 2.79 18.04 17.66
C ALA A 32 3.71 18.23 16.45
N ASP A 33 3.99 17.13 15.77
CA ASP A 33 4.78 17.18 14.55
C ASP A 33 3.94 17.63 13.36
N PHE A 34 2.66 17.26 13.34
CA PHE A 34 1.74 17.63 12.27
C PHE A 34 0.38 17.90 12.90
N ILE A 35 -0.31 18.93 12.41
CA ILE A 35 -1.64 19.30 12.87
C ILE A 35 -2.52 19.50 11.65
N GLY A 36 -3.74 18.98 11.70
CA GLY A 36 -4.64 19.14 10.58
C GLY A 36 -6.02 18.65 10.91
N ASP A 37 -6.91 18.70 9.91
CA ASP A 37 -8.23 18.11 10.08
C ASP A 37 -8.16 16.62 9.79
N SER A 38 -9.33 15.97 9.79
CA SER A 38 -9.37 14.52 9.68
C SER A 38 -8.87 14.03 8.33
N LEU A 39 -9.15 14.77 7.27
CA LEU A 39 -8.66 14.39 5.95
C LEU A 39 -7.15 14.57 5.84
N GLU A 40 -6.66 15.71 6.30
CA GLU A 40 -5.22 15.96 6.26
C GLU A 40 -4.47 14.98 7.16
N LEU A 41 -5.07 14.56 8.27
CA LEU A 41 -4.44 13.55 9.12
C LEU A 41 -4.40 12.20 8.42
N ALA A 42 -5.43 11.88 7.64
CA ALA A 42 -5.46 10.60 6.92
C ALA A 42 -4.40 10.57 5.83
N ARG A 43 -4.26 11.65 5.06
N ARG A 43 -4.30 11.64 5.05
CA ARG A 43 -3.24 11.66 4.01
CA ARG A 43 -3.26 11.70 4.02
C ARG A 43 -1.84 11.68 4.60
C ARG A 43 -1.86 11.64 4.64
N ARG A 44 -1.64 12.38 5.72
CA ARG A 44 -0.34 12.36 6.38
C ARG A 44 -0.02 10.97 6.92
N ALA A 45 -1.06 10.17 7.23
CA ALA A 45 -0.85 8.81 7.71
C ALA A 45 -0.44 7.84 6.61
N THR A 46 -0.39 8.29 5.36
CA THR A 46 0.07 7.44 4.26
C THR A 46 1.50 7.72 3.87
N ARG A 47 2.18 8.66 4.53
CA ARG A 47 3.58 8.96 4.26
C ARG A 47 4.38 9.00 5.55
N VAL A 48 3.96 8.22 6.54
CA VAL A 48 4.69 8.12 7.80
C VAL A 48 5.91 7.22 7.61
N ASP A 49 7.10 7.79 7.79
CA ASP A 49 8.32 7.00 7.79
C ASP A 49 8.72 6.56 9.19
N ALA A 50 8.09 7.09 10.23
CA ALA A 50 8.38 6.70 11.58
C ALA A 50 7.80 5.32 11.89
N ASP A 51 8.36 4.69 12.92
CA ASP A 51 7.90 3.37 13.33
C ASP A 51 6.67 3.44 14.25
N VAL A 52 6.52 4.52 15.01
CA VAL A 52 5.45 4.65 15.98
C VAL A 52 4.67 5.92 15.69
N ILE A 53 3.34 5.83 15.78
CA ILE A 53 2.45 6.97 15.61
C ILE A 53 1.72 7.19 16.93
N VAL A 54 1.95 8.34 17.55
CA VAL A 54 1.20 8.76 18.73
C VAL A 54 0.12 9.72 18.25
N PHE A 55 -1.14 9.30 18.38
CA PHE A 55 -2.25 10.06 17.83
C PHE A 55 -2.90 10.91 18.92
N ALA A 56 -2.66 12.22 18.85
CA ALA A 56 -3.31 13.18 19.74
C ALA A 56 -4.68 13.52 19.14
N GLY A 57 -5.63 12.63 19.41
CA GLY A 57 -6.97 12.80 18.90
C GLY A 57 -7.90 11.75 19.45
N VAL A 58 -9.05 11.60 18.80
CA VAL A 58 -10.06 10.65 19.26
C VAL A 58 -9.83 9.27 18.64
N ASP A 59 -10.58 8.28 19.13
CA ASP A 59 -10.28 6.88 18.80
C ASP A 59 -10.46 6.58 17.32
N PHE A 60 -11.52 7.11 16.69
CA PHE A 60 -11.73 6.81 15.27
C PHE A 60 -10.62 7.38 14.42
N MET A 61 -9.99 8.48 14.85
CA MET A 61 -8.87 9.03 14.11
C MET A 61 -7.64 8.13 14.22
N ALA A 62 -7.37 7.61 15.42
CA ALA A 62 -6.24 6.70 15.59
C ALA A 62 -6.46 5.38 14.84
N GLU A 63 -7.69 4.87 14.87
CA GLU A 63 -7.98 3.63 14.15
C GLU A 63 -7.80 3.79 12.65
N THR A 64 -8.20 4.95 12.11
CA THR A 64 -7.95 5.22 10.70
C THR A 64 -6.46 5.18 10.40
N ALA A 65 -5.64 5.75 11.29
CA ALA A 65 -4.20 5.70 11.09
C ALA A 65 -3.69 4.26 11.18
N LYS A 66 -4.28 3.45 12.07
CA LYS A 66 -3.87 2.07 12.18
C LYS A 66 -4.26 1.27 10.93
N ILE A 67 -5.46 1.52 10.40
CA ILE A 67 -5.88 0.84 9.18
C ILE A 67 -4.95 1.16 8.03
N LEU A 68 -4.47 2.41 7.97
CA LEU A 68 -3.54 2.82 6.94
C LEU A 68 -2.09 2.49 7.26
N ASN A 69 -1.79 1.96 8.45
CA ASN A 69 -0.42 1.59 8.83
C ASN A 69 -0.46 0.35 9.72
N PRO A 70 -0.86 -0.80 9.15
CA PRO A 70 -0.94 -2.01 9.98
C PRO A 70 0.41 -2.50 10.48
N ASP A 71 1.50 -2.18 9.78
CA ASP A 71 2.83 -2.59 10.19
C ASP A 71 3.41 -1.72 11.29
N LYS A 72 2.82 -0.56 11.57
CA LYS A 72 3.36 0.37 12.55
C LYS A 72 2.56 0.29 13.85
N VAL A 73 3.16 0.83 14.90
CA VAL A 73 2.51 0.90 16.21
C VAL A 73 1.78 2.22 16.32
N VAL A 74 0.47 2.15 16.57
CA VAL A 74 -0.37 3.33 16.72
C VAL A 74 -0.82 3.39 18.17
N LEU A 75 -0.52 4.51 18.82
CA LEU A 75 -0.81 4.70 20.24
C LEU A 75 -1.78 5.86 20.40
N ILE A 76 -2.81 5.66 21.20
CA ILE A 76 -3.72 6.72 21.64
C ILE A 76 -3.48 6.93 23.12
N PRO A 77 -3.23 8.16 23.58
CA PRO A 77 -2.81 8.36 24.98
C PRO A 77 -3.90 8.04 26.00
N SER A 78 -5.17 8.02 25.60
CA SER A 78 -6.26 7.70 26.52
C SER A 78 -7.38 7.04 25.74
N ARG A 79 -7.84 5.90 26.24
CA ARG A 79 -8.95 5.20 25.59
C ARG A 79 -10.29 5.90 25.79
N GLU A 80 -10.36 6.89 26.67
CA GLU A 80 -11.57 7.69 26.81
C GLU A 80 -11.66 8.82 25.79
N ALA A 81 -10.66 8.99 24.94
CA ALA A 81 -10.69 9.99 23.88
C ALA A 81 -11.52 9.44 22.73
N THR A 82 -12.84 9.65 22.81
CA THR A 82 -13.77 9.10 21.85
C THR A 82 -14.65 10.21 21.27
N CYS A 83 -15.35 9.86 20.19
CA CYS A 83 -16.20 10.79 19.47
C CYS A 83 -17.66 10.41 19.71
N ALA A 84 -18.42 11.33 20.31
CA ALA A 84 -19.81 11.03 20.66
C ALA A 84 -20.66 10.79 19.40
N MET A 85 -20.44 11.58 18.35
CA MET A 85 -21.25 11.43 17.14
C MET A 85 -20.95 10.12 16.43
N ALA A 86 -19.67 9.72 16.39
CA ALA A 86 -19.29 8.48 15.71
C ALA A 86 -19.99 7.27 16.31
N ASN A 87 -20.06 7.20 17.63
CA ASN A 87 -20.61 6.04 18.31
C ASN A 87 -22.13 5.94 18.19
N MET A 88 -22.79 6.93 17.59
CA MET A 88 -24.23 6.83 17.40
C MET A 88 -24.60 5.89 16.26
N LEU A 89 -23.69 5.63 15.33
CA LEU A 89 -23.96 4.76 14.20
C LEU A 89 -23.57 3.33 14.57
N LYS A 90 -24.54 2.41 14.44
CA LYS A 90 -24.33 1.00 14.72
C LYS A 90 -24.35 0.20 13.42
N VAL A 91 -23.73 -0.98 13.47
CA VAL A 91 -23.74 -1.89 12.33
C VAL A 91 -25.17 -2.20 11.89
N GLU A 92 -26.05 -2.45 12.86
CA GLU A 92 -27.44 -2.77 12.54
C GLU A 92 -28.12 -1.63 11.79
N HIS A 93 -27.75 -0.38 12.10
CA HIS A 93 -28.29 0.76 11.35
C HIS A 93 -27.95 0.65 9.87
N ILE A 94 -26.71 0.28 9.55
CA ILE A 94 -26.30 0.18 8.15
C ILE A 94 -26.99 -1.00 7.47
N LEU A 95 -27.00 -2.15 8.13
CA LEU A 95 -27.62 -3.33 7.54
C LEU A 95 -29.10 -3.08 7.24
N GLU A 96 -29.77 -2.35 8.13
CA GLU A 96 -31.17 -2.03 7.90
C GLU A 96 -31.34 -1.14 6.66
N ALA A 97 -30.45 -0.15 6.51
CA ALA A 97 -30.54 0.73 5.34
C ALA A 97 -30.17 0.01 4.05
N LYS A 98 -29.23 -0.94 4.12
CA LYS A 98 -28.87 -1.72 2.94
C LYS A 98 -29.99 -2.66 2.53
N ARG A 99 -30.79 -3.13 3.49
CA ARG A 99 -31.95 -3.95 3.13
C ARG A 99 -33.06 -3.11 2.52
N LYS A 100 -33.22 -1.87 2.99
CA LYS A 100 -34.26 -1.00 2.47
C LYS A 100 -33.87 -0.36 1.14
N TYR A 101 -32.57 -0.15 0.93
CA TYR A 101 -32.05 0.47 -0.31
C TYR A 101 -30.89 -0.37 -0.80
N PRO A 102 -31.16 -1.48 -1.49
CA PRO A 102 -30.08 -2.41 -1.87
C PRO A 102 -29.08 -1.83 -2.83
N ASN A 103 -29.51 -0.95 -3.75
CA ASN A 103 -28.63 -0.40 -4.77
C ASN A 103 -28.07 0.97 -4.39
N ALA A 104 -28.20 1.36 -3.11
CA ALA A 104 -27.65 2.65 -2.67
C ALA A 104 -26.29 2.44 -2.02
N PRO A 105 -25.25 3.14 -2.47
CA PRO A 105 -23.95 3.02 -1.82
C PRO A 105 -23.96 3.59 -0.41
N VAL A 106 -23.15 2.99 0.46
CA VAL A 106 -23.04 3.40 1.85
C VAL A 106 -21.84 4.33 1.98
N VAL A 107 -22.11 5.58 2.34
CA VAL A 107 -21.09 6.61 2.49
C VAL A 107 -21.05 7.02 3.95
N LEU A 108 -19.92 6.78 4.60
CA LEU A 108 -19.79 7.02 6.03
C LEU A 108 -18.79 8.13 6.32
N TYR A 109 -19.20 9.06 7.17
CA TYR A 109 -18.27 10.00 7.79
C TYR A 109 -17.10 9.24 8.41
N VAL A 110 -15.90 9.81 8.31
CA VAL A 110 -14.74 9.19 8.95
C VAL A 110 -14.97 9.06 10.46
N ASN A 111 -15.75 9.97 11.04
CA ASN A 111 -16.21 9.83 12.41
C ASN A 111 -17.15 8.64 12.48
N SER A 112 -16.56 7.45 12.57
CA SER A 112 -17.32 6.22 12.66
C SER A 112 -16.39 5.11 13.14
N THR A 113 -16.97 4.10 13.78
CA THR A 113 -16.17 2.99 14.25
C THR A 113 -15.58 2.23 13.07
N ALA A 114 -14.49 1.50 13.36
CA ALA A 114 -13.87 0.68 12.32
C ALA A 114 -14.83 -0.41 11.86
N GLU A 115 -15.64 -0.95 12.77
CA GLU A 115 -16.60 -1.97 12.37
C GLU A 115 -17.67 -1.41 11.44
N ALA A 116 -18.05 -0.14 11.63
CA ALA A 116 -19.02 0.47 10.72
C ALA A 116 -18.41 0.69 9.34
N LYS A 117 -17.15 1.13 9.28
CA LYS A 117 -16.48 1.33 8.00
C LYS A 117 -16.36 0.06 7.19
N ALA A 118 -16.35 -1.11 7.85
CA ALA A 118 -16.30 -2.38 7.14
C ALA A 118 -17.48 -2.57 6.19
N TYR A 119 -18.60 -1.91 6.46
CA TYR A 119 -19.78 -2.01 5.62
C TYR A 119 -19.96 -0.81 4.70
N ALA A 120 -19.02 0.13 4.71
CA ALA A 120 -19.12 1.32 3.88
C ALA A 120 -18.46 1.09 2.52
N ASP A 121 -19.05 1.69 1.49
CA ASP A 121 -18.44 1.66 0.17
C ASP A 121 -17.34 2.70 0.03
N VAL A 122 -17.47 3.83 0.71
CA VAL A 122 -16.46 4.89 0.70
C VAL A 122 -16.70 5.79 1.89
N THR A 123 -15.61 6.27 2.49
CA THR A 123 -15.70 7.21 3.60
C THR A 123 -15.60 8.64 3.10
N VAL A 124 -15.95 9.59 3.96
CA VAL A 124 -15.82 11.00 3.65
C VAL A 124 -15.44 11.76 4.91
N THR A 125 -14.84 12.93 4.71
CA THR A 125 -14.58 13.91 5.74
C THR A 125 -15.41 15.15 5.43
N SER A 126 -15.34 16.15 6.33
CA SER A 126 -16.06 17.40 6.08
C SER A 126 -15.52 18.14 4.87
N ALA A 127 -14.25 17.95 4.53
CA ALA A 127 -13.64 18.70 3.44
C ALA A 127 -13.94 18.11 2.06
N ASN A 128 -14.22 16.81 1.98
CA ASN A 128 -14.41 16.15 0.69
C ASN A 128 -15.76 15.45 0.55
N ALA A 129 -16.68 15.64 1.51
CA ALA A 129 -17.94 14.90 1.48
C ALA A 129 -18.73 15.23 0.21
N VAL A 130 -18.79 16.51 -0.15
CA VAL A 130 -19.57 16.91 -1.33
C VAL A 130 -18.93 16.38 -2.60
N GLU A 131 -17.61 16.45 -2.71
CA GLU A 131 -16.94 15.98 -3.92
C GLU A 131 -17.15 14.48 -4.12
N VAL A 132 -17.04 13.70 -3.05
CA VAL A 132 -17.16 12.24 -3.19
C VAL A 132 -18.57 11.84 -3.58
N VAL A 133 -19.57 12.37 -2.87
CA VAL A 133 -20.96 12.00 -3.13
C VAL A 133 -21.37 12.46 -4.53
N LYS A 134 -20.89 13.61 -4.96
CA LYS A 134 -21.20 14.10 -6.31
C LYS A 134 -20.63 13.17 -7.38
N LYS A 135 -19.52 12.50 -7.09
CA LYS A 135 -18.86 11.63 -8.06
C LYS A 135 -19.43 10.22 -8.06
N LEU A 136 -20.41 9.92 -7.22
CA LEU A 136 -21.01 8.60 -7.19
C LEU A 136 -22.09 8.48 -8.26
N ASP A 137 -22.21 7.27 -8.83
CA ASP A 137 -23.11 7.07 -9.96
C ASP A 137 -24.57 7.12 -9.53
N SER A 138 -24.89 6.60 -8.35
CA SER A 138 -26.26 6.55 -7.89
C SER A 138 -26.73 7.93 -7.42
N ASP A 139 -28.03 8.16 -7.55
CA ASP A 139 -28.65 9.41 -7.09
C ASP A 139 -29.20 9.30 -5.68
N VAL A 140 -29.32 8.10 -5.14
CA VAL A 140 -29.74 7.87 -3.75
C VAL A 140 -28.56 7.30 -2.99
N VAL A 141 -28.19 7.96 -1.89
CA VAL A 141 -27.00 7.63 -1.13
C VAL A 141 -27.39 7.41 0.32
N ILE A 142 -26.88 6.34 0.92
CA ILE A 142 -26.98 6.11 2.35
C ILE A 142 -25.81 6.82 3.01
N PHE A 143 -26.10 7.70 3.97
CA PHE A 143 -25.09 8.59 4.53
C PHE A 143 -25.22 8.63 6.04
N GLY A 144 -24.09 8.70 6.73
CA GLY A 144 -24.08 8.76 8.18
C GLY A 144 -22.70 8.97 8.76
N PRO A 145 -22.64 9.22 10.08
CA PRO A 145 -23.84 9.31 10.91
C PRO A 145 -24.39 10.72 11.13
N ASP A 146 -23.61 11.75 10.80
CA ASP A 146 -23.98 13.10 11.19
C ASP A 146 -25.11 13.63 10.31
N LYS A 147 -26.26 13.91 10.92
CA LYS A 147 -27.43 14.38 10.19
C LYS A 147 -27.22 15.77 9.58
N ASN A 148 -26.48 16.64 10.28
CA ASN A 148 -26.31 18.01 9.81
C ASN A 148 -25.39 18.06 8.60
N LEU A 149 -24.34 17.24 8.59
CA LEU A 149 -23.49 17.15 7.40
C LEU A 149 -24.27 16.55 6.23
N ALA A 150 -25.17 15.60 6.51
CA ALA A 150 -25.99 15.03 5.45
C ALA A 150 -26.84 16.10 4.77
N HIS A 151 -27.38 17.04 5.56
CA HIS A 151 -28.16 18.14 4.98
C HIS A 151 -27.30 18.97 4.04
N TYR A 152 -26.05 19.29 4.45
CA TYR A 152 -25.17 20.08 3.61
C TYR A 152 -24.81 19.34 2.33
N VAL A 153 -24.58 18.02 2.43
CA VAL A 153 -24.25 17.23 1.26
C VAL A 153 -25.43 17.17 0.30
N ALA A 154 -26.65 16.99 0.83
CA ALA A 154 -27.82 16.97 -0.03
C ALA A 154 -28.02 18.30 -0.74
N LYS A 155 -27.76 19.41 -0.04
CA LYS A 155 -27.93 20.73 -0.63
C LYS A 155 -26.90 20.97 -1.74
N MET A 156 -25.69 20.44 -1.58
CA MET A 156 -24.60 20.73 -2.50
C MET A 156 -24.45 19.70 -3.61
N THR A 157 -25.11 18.54 -3.51
CA THR A 157 -25.00 17.51 -4.54
C THR A 157 -26.32 17.22 -5.26
N GLY A 158 -27.46 17.60 -4.70
CA GLY A 158 -28.72 17.26 -5.32
C GLY A 158 -29.07 15.79 -5.26
N LYS A 159 -28.40 15.02 -4.40
CA LYS A 159 -28.67 13.61 -4.25
C LYS A 159 -29.74 13.38 -3.20
N LYS A 160 -30.40 12.23 -3.28
CA LYS A 160 -31.31 11.80 -2.23
C LYS A 160 -30.49 11.11 -1.14
N ILE A 161 -30.43 11.72 0.03
CA ILE A 161 -29.61 11.23 1.13
C ILE A 161 -30.49 10.50 2.13
N ILE A 162 -30.13 9.26 2.44
CA ILE A 162 -30.81 8.49 3.48
C ILE A 162 -29.96 8.53 4.74
N PRO A 163 -30.32 9.32 5.74
CA PRO A 163 -29.47 9.45 6.93
C PRO A 163 -29.58 8.25 7.86
N VAL A 164 -28.44 7.81 8.37
CA VAL A 164 -28.37 6.71 9.32
C VAL A 164 -27.37 7.07 10.42
N PRO A 165 -27.79 7.11 11.69
CA PRO A 165 -29.19 6.95 12.12
C PRO A 165 -29.99 8.22 11.90
N SER A 166 -31.16 8.32 12.53
CA SER A 166 -32.01 9.48 12.32
C SER A 166 -31.54 10.69 13.12
N LYS A 167 -30.95 10.47 14.29
N LYS A 167 -30.96 10.48 14.30
CA LYS A 167 -30.57 11.55 15.19
CA LYS A 167 -30.57 11.56 15.20
C LYS A 167 -29.07 11.70 15.33
C LYS A 167 -29.06 11.68 15.34
N GLY A 168 -28.31 11.21 14.36
CA GLY A 168 -26.86 11.29 14.43
C GLY A 168 -26.38 12.73 14.35
N HIS A 169 -25.60 13.18 15.34
CA HIS A 169 -25.21 14.57 15.41
C HIS A 169 -24.04 14.70 16.38
N CYS A 170 -23.39 15.86 16.34
CA CYS A 170 -22.31 16.21 17.26
C CYS A 170 -22.82 17.29 18.21
N TYR A 171 -22.77 16.99 19.51
CA TYR A 171 -23.32 17.91 20.49
C TYR A 171 -22.53 19.20 20.58
N VAL A 172 -21.22 19.15 20.29
CA VAL A 172 -20.39 20.35 20.35
C VAL A 172 -20.87 21.38 19.33
N HIS A 173 -21.08 20.93 18.08
CA HIS A 173 -21.49 21.85 17.04
C HIS A 173 -22.98 22.19 17.10
N GLN A 174 -23.79 21.35 17.73
CA GLN A 174 -25.20 21.65 17.90
C GLN A 174 -25.47 22.68 18.99
N LYS A 175 -24.44 23.09 19.74
CA LYS A 175 -24.61 24.16 20.71
C LYS A 175 -24.89 25.49 20.03
N PHE A 176 -24.36 25.69 18.82
CA PHE A 176 -24.54 26.96 18.13
C PHE A 176 -25.98 27.10 17.65
N THR A 177 -26.58 28.26 17.93
CA THR A 177 -27.95 28.56 17.59
C THR A 177 -28.00 29.81 16.73
N LEU A 178 -29.21 30.19 16.32
CA LEU A 178 -29.37 31.46 15.61
C LEU A 178 -29.04 32.64 16.50
N ASP A 179 -29.29 32.52 17.81
CA ASP A 179 -28.98 33.60 18.73
C ASP A 179 -27.49 33.89 18.78
N ASP A 180 -26.66 32.85 18.62
CA ASP A 180 -25.22 33.07 18.57
C ASP A 180 -24.82 33.81 17.30
N VAL A 181 -25.47 33.49 16.18
CA VAL A 181 -25.19 34.19 14.92
C VAL A 181 -25.58 35.66 15.04
N GLU A 182 -26.78 35.92 15.57
N GLU A 182 -26.77 35.92 15.60
CA GLU A 182 -27.23 37.29 15.75
CA GLU A 182 -27.18 37.32 15.78
C GLU A 182 -26.34 38.05 16.72
C GLU A 182 -26.27 38.05 16.75
N ARG A 183 -25.87 37.37 17.77
N ARG A 183 -25.84 37.37 17.81
CA ARG A 183 -24.96 38.01 18.71
CA ARG A 183 -24.93 38.00 18.77
C ARG A 183 -23.61 38.30 18.07
C ARG A 183 -23.56 38.25 18.15
N ALA A 184 -23.10 37.35 17.27
CA ALA A 184 -21.82 37.55 16.61
C ALA A 184 -21.85 38.74 15.66
N LYS A 185 -22.92 38.85 14.86
CA LYS A 185 -23.06 39.99 13.96
C LYS A 185 -23.24 41.30 14.71
N LYS A 186 -23.70 41.25 15.96
CA LYS A 186 -23.89 42.46 16.74
C LYS A 186 -22.61 42.89 17.43
N LEU A 187 -21.87 41.94 18.00
CA LEU A 187 -20.62 42.26 18.69
C LEU A 187 -19.43 42.39 17.74
N HIS A 188 -19.55 41.87 16.53
CA HIS A 188 -18.49 41.99 15.51
C HIS A 188 -19.14 42.23 14.16
N PRO A 189 -19.63 43.45 13.92
CA PRO A 189 -20.37 43.70 12.67
C PRO A 189 -19.50 43.64 11.43
N ASN A 190 -18.19 43.85 11.55
CA ASN A 190 -17.29 43.80 10.41
C ASN A 190 -16.66 42.43 10.22
N ALA A 191 -17.02 41.45 11.04
CA ALA A 191 -16.48 40.10 10.92
C ALA A 191 -17.34 39.25 10.01
N LYS A 192 -16.72 38.23 9.44
CA LYS A 192 -17.42 37.22 8.66
C LYS A 192 -17.45 35.92 9.44
N LEU A 193 -18.44 35.08 9.12
CA LEU A 193 -18.71 33.88 9.89
C LEU A 193 -18.20 32.66 9.12
N MET A 194 -17.30 31.91 9.74
CA MET A 194 -16.89 30.60 9.23
C MET A 194 -17.54 29.54 10.10
N ILE A 195 -18.37 28.70 9.50
CA ILE A 195 -19.25 27.78 10.23
C ILE A 195 -19.03 26.36 9.74
N HIS A 196 -18.90 25.44 10.68
CA HIS A 196 -18.63 24.05 10.35
C HIS A 196 -19.90 23.38 9.84
N PRO A 197 -19.79 22.47 8.86
CA PRO A 197 -21.00 21.80 8.34
C PRO A 197 -21.69 20.88 9.33
N GLN A 198 -21.11 20.62 10.50
CA GLN A 198 -21.80 19.86 11.53
C GLN A 198 -22.78 20.71 12.33
N CYS A 199 -22.85 22.02 12.08
CA CYS A 199 -23.85 22.86 12.71
C CYS A 199 -25.22 22.62 12.07
N ILE A 200 -26.27 22.97 12.81
CA ILE A 200 -27.64 22.75 12.37
C ILE A 200 -27.89 23.57 11.10
N PRO A 201 -28.80 23.14 10.22
CA PRO A 201 -28.94 23.81 8.92
C PRO A 201 -29.25 25.30 9.01
N GLU A 202 -30.07 25.71 9.99
N GLU A 202 -30.07 25.72 9.98
CA GLU A 202 -30.42 27.12 10.10
CA GLU A 202 -30.42 27.13 10.08
C GLU A 202 -29.20 27.97 10.42
C GLU A 202 -29.21 27.98 10.44
N VAL A 203 -28.22 27.41 11.12
CA VAL A 203 -26.98 28.13 11.39
C VAL A 203 -26.08 28.11 10.16
N GLN A 204 -26.02 26.98 9.45
CA GLN A 204 -25.23 26.90 8.22
C GLN A 204 -25.65 27.94 7.20
N GLU A 205 -26.95 28.26 7.15
N GLU A 205 -26.95 28.27 7.15
CA GLU A 205 -27.47 29.20 6.15
CA GLU A 205 -27.45 29.19 6.14
C GLU A 205 -26.92 30.60 6.37
C GLU A 205 -27.02 30.63 6.40
N LYS A 206 -26.60 30.96 7.61
CA LYS A 206 -26.10 32.29 7.93
C LYS A 206 -24.61 32.43 7.71
N ALA A 207 -23.93 31.38 7.27
CA ALA A 207 -22.47 31.37 7.19
C ALA A 207 -21.98 32.14 5.97
N ASP A 208 -20.79 32.73 6.12
CA ASP A 208 -20.06 33.26 4.97
C ASP A 208 -19.34 32.13 4.24
N ILE A 209 -18.64 31.27 4.98
CA ILE A 209 -18.01 30.07 4.42
C ILE A 209 -18.39 28.88 5.28
N ILE A 210 -18.67 27.76 4.62
CA ILE A 210 -18.91 26.49 5.29
C ILE A 210 -17.79 25.54 4.90
N ALA A 211 -17.03 25.07 5.88
CA ALA A 211 -15.87 24.23 5.60
C ALA A 211 -15.46 23.48 6.85
N SER A 212 -14.67 22.43 6.64
CA SER A 212 -13.98 21.77 7.74
C SER A 212 -12.93 22.70 8.33
N THR A 213 -12.32 22.26 9.43
CA THR A 213 -11.27 23.07 10.04
C THR A 213 -10.10 23.28 9.08
N GLY A 214 -9.81 22.29 8.23
CA GLY A 214 -8.81 22.50 7.21
C GLY A 214 -9.24 23.52 6.17
N GLY A 215 -10.51 23.46 5.76
CA GLY A 215 -11.03 24.45 4.83
C GLY A 215 -11.12 25.83 5.43
N MET A 216 -11.34 25.91 6.74
CA MET A 216 -11.30 27.21 7.41
C MET A 216 -9.91 27.84 7.35
N ILE A 217 -8.86 27.00 7.38
CA ILE A 217 -7.50 27.52 7.31
C ILE A 217 -7.18 28.00 5.90
N LYS A 218 -7.63 27.28 4.88
CA LYS A 218 -7.29 27.64 3.51
C LYS A 218 -8.04 28.88 3.05
N ARG A 219 -9.22 29.15 3.62
CA ARG A 219 -10.03 30.28 3.18
C ARG A 219 -10.00 31.45 4.15
N ALA A 220 -9.21 31.38 5.23
CA ALA A 220 -9.11 32.50 6.15
C ALA A 220 -8.46 33.72 5.49
N CYS A 221 -7.79 33.54 4.36
CA CYS A 221 -7.15 34.64 3.67
C CYS A 221 -8.15 35.62 3.06
N GLU A 222 -9.39 35.20 2.83
CA GLU A 222 -10.36 36.04 2.15
C GLU A 222 -10.86 37.20 2.99
N TRP A 223 -10.57 37.19 4.29
CA TRP A 223 -11.01 38.26 5.19
C TRP A 223 -9.99 38.37 6.31
N ASP A 224 -10.09 39.44 7.09
CA ASP A 224 -9.16 39.66 8.19
C ASP A 224 -9.79 39.49 9.56
N GLU A 225 -11.10 39.25 9.64
CA GLU A 225 -11.80 39.18 10.92
C GLU A 225 -12.90 38.12 10.82
N TRP A 226 -12.78 37.07 11.63
CA TRP A 226 -13.67 35.93 11.54
C TRP A 226 -14.25 35.58 12.91
N VAL A 227 -15.52 35.20 12.92
CA VAL A 227 -16.14 34.54 14.08
C VAL A 227 -16.25 33.07 13.74
N VAL A 228 -15.70 32.22 14.61
CA VAL A 228 -15.47 30.81 14.30
C VAL A 228 -16.54 29.97 14.99
N PHE A 229 -17.39 29.32 14.20
CA PHE A 229 -18.46 28.46 14.71
C PHE A 229 -18.01 27.01 14.65
N THR A 230 -17.14 26.63 15.58
CA THR A 230 -16.66 25.25 15.71
C THR A 230 -16.02 25.12 17.09
N GLU A 231 -15.42 23.96 17.34
CA GLU A 231 -14.83 23.66 18.65
C GLU A 231 -13.82 24.74 19.04
N ARG A 232 -13.72 24.96 20.36
CA ARG A 232 -13.02 26.13 20.88
C ARG A 232 -11.56 26.16 20.47
N GLU A 233 -10.87 25.02 20.52
CA GLU A 233 -9.42 25.01 20.28
C GLU A 233 -9.06 25.39 18.86
N MET A 234 -9.99 25.30 17.91
CA MET A 234 -9.69 25.72 16.55
C MET A 234 -9.35 27.20 16.48
N VAL A 235 -9.92 28.00 17.38
CA VAL A 235 -9.61 29.44 17.41
C VAL A 235 -8.15 29.66 17.77
N TYR A 236 -7.60 28.81 18.66
CA TYR A 236 -6.17 28.89 18.96
C TYR A 236 -5.34 28.55 17.72
N ARG A 237 -5.73 27.50 16.99
CA ARG A 237 -4.99 27.12 15.80
C ARG A 237 -4.99 28.24 14.76
N LEU A 238 -6.13 28.90 14.58
CA LEU A 238 -6.21 29.99 13.60
C LEU A 238 -5.43 31.21 14.05
N ARG A 239 -5.52 31.55 15.34
CA ARG A 239 -4.81 32.72 15.86
C ARG A 239 -3.30 32.57 15.72
N LYS A 240 -2.78 31.36 15.98
N LYS A 240 -2.78 31.36 15.97
CA LYS A 240 -1.35 31.14 15.86
CA LYS A 240 -1.35 31.14 15.86
C LYS A 240 -0.90 31.07 14.41
C LYS A 240 -0.89 31.03 14.41
N LEU A 241 -1.76 30.55 13.53
CA LEU A 241 -1.40 30.49 12.11
C LEU A 241 -1.41 31.87 11.47
N TYR A 242 -2.31 32.75 11.92
CA TYR A 242 -2.46 34.09 11.34
C TYR A 242 -2.40 35.13 12.45
N PRO A 243 -1.19 35.48 12.90
CA PRO A 243 -1.09 36.44 14.02
C PRO A 243 -1.60 37.83 13.70
N GLN A 244 -1.75 38.20 12.43
N GLN A 244 -1.74 38.18 12.42
CA GLN A 244 -2.20 39.53 12.06
CA GLN A 244 -2.19 39.50 12.01
C GLN A 244 -3.69 39.58 11.72
C GLN A 244 -3.70 39.60 11.86
N LYS A 245 -4.41 38.48 11.87
CA LYS A 245 -5.85 38.44 11.71
C LYS A 245 -6.53 38.40 13.06
N LYS A 246 -7.85 38.63 13.05
CA LYS A 246 -8.67 38.58 14.25
C LYS A 246 -9.63 37.40 14.16
N PHE A 247 -9.67 36.58 15.21
CA PHE A 247 -10.58 35.46 15.31
C PHE A 247 -11.28 35.50 16.66
N TYR A 248 -12.58 35.20 16.65
CA TYR A 248 -13.37 35.20 17.86
C TYR A 248 -14.20 33.92 17.91
N PRO A 249 -14.23 33.21 19.04
CA PRO A 249 -15.11 32.04 19.14
C PRO A 249 -16.56 32.47 19.28
N ALA A 250 -17.44 31.75 18.59
CA ALA A 250 -18.87 32.05 18.68
C ALA A 250 -19.42 31.69 20.06
N ARG A 251 -18.92 30.60 20.65
CA ARG A 251 -19.31 30.19 22.00
C ARG A 251 -18.08 29.68 22.73
N GLU A 252 -17.84 30.21 23.93
CA GLU A 252 -16.70 29.75 24.73
C GLU A 252 -16.93 28.39 25.39
N ASP A 253 -18.17 27.89 25.38
CA ASP A 253 -18.46 26.57 25.94
C ASP A 253 -18.51 25.48 24.88
N ALA A 254 -18.08 25.78 23.66
CA ALA A 254 -18.08 24.79 22.58
C ALA A 254 -16.74 24.06 22.59
N PHE A 255 -16.64 23.07 23.48
CA PHE A 255 -15.43 22.30 23.66
C PHE A 255 -15.78 20.82 23.66
N CYS A 256 -14.90 20.01 23.07
CA CYS A 256 -15.10 18.58 22.95
C CYS A 256 -14.37 17.86 24.09
N ILE A 257 -15.15 17.22 24.97
CA ILE A 257 -14.57 16.55 26.13
C ILE A 257 -13.65 15.42 25.71
N GLY A 258 -14.06 14.64 24.70
CA GLY A 258 -13.24 13.54 24.25
C GLY A 258 -11.89 13.99 23.73
N MET A 259 -11.87 15.12 23.00
CA MET A 259 -10.62 15.65 22.49
C MET A 259 -9.68 16.07 23.62
N LYS A 260 -10.24 16.63 24.68
CA LYS A 260 -9.42 17.08 25.81
C LYS A 260 -9.08 15.96 26.77
N ALA A 261 -9.51 14.72 26.49
CA ALA A 261 -8.99 13.59 27.24
C ALA A 261 -7.50 13.40 27.00
N ILE A 262 -6.98 13.90 25.88
CA ILE A 262 -5.55 13.87 25.61
C ILE A 262 -4.89 15.04 26.31
N THR A 263 -3.87 14.76 27.10
CA THR A 263 -3.12 15.79 27.81
C THR A 263 -1.64 15.62 27.52
N LEU A 264 -0.86 16.61 27.95
CA LEU A 264 0.59 16.51 27.82
C LEU A 264 1.15 15.38 28.69
N LYS A 265 0.51 15.12 29.84
CA LYS A 265 1.02 14.10 30.75
C LYS A 265 0.82 12.70 30.19
N ASN A 266 -0.38 12.39 29.69
CA ASN A 266 -0.61 11.05 29.17
C ASN A 266 0.06 10.82 27.81
N ILE A 267 0.46 11.88 27.12
CA ILE A 267 1.29 11.71 25.93
C ILE A 267 2.69 11.25 26.32
N TYR A 268 3.25 11.86 27.37
CA TYR A 268 4.51 11.37 27.91
C TYR A 268 4.40 9.93 28.37
N GLU A 269 3.35 9.62 29.13
CA GLU A 269 3.13 8.25 29.58
C GLU A 269 2.86 7.32 28.41
N SER A 270 2.28 7.83 27.33
CA SER A 270 2.07 7.01 26.14
C SER A 270 3.40 6.58 25.51
N LEU A 271 4.35 7.51 25.42
CA LEU A 271 5.65 7.17 24.85
C LEU A 271 6.50 6.37 25.84
N LYS A 272 6.31 6.58 27.13
CA LYS A 272 7.10 5.86 28.13
C LYS A 272 6.81 4.37 28.11
N ASP A 273 5.53 4.00 28.04
CA ASP A 273 5.11 2.61 28.18
C ASP A 273 4.59 2.00 26.89
N MET A 274 4.65 2.71 25.76
CA MET A 274 4.15 2.22 24.48
C MET A 274 2.68 1.81 24.58
N LYS A 275 1.86 2.74 25.06
CA LYS A 275 0.43 2.51 25.25
C LYS A 275 -0.30 3.76 24.80
N TYR A 276 -1.58 3.61 24.45
CA TYR A 276 -2.28 2.33 24.38
C TYR A 276 -2.35 1.88 22.93
N LYS A 277 -1.90 0.64 22.69
CA LYS A 277 -1.81 0.14 21.32
C LYS A 277 -3.18 0.07 20.68
N VAL A 278 -3.32 0.70 19.51
CA VAL A 278 -4.55 0.68 18.75
C VAL A 278 -4.50 -0.52 17.81
N GLU A 279 -5.47 -1.41 17.92
CA GLU A 279 -5.55 -2.61 17.11
C GLU A 279 -6.90 -2.65 16.41
N VAL A 280 -6.88 -3.08 15.15
CA VAL A 280 -8.12 -3.31 14.40
C VAL A 280 -8.08 -4.74 13.85
N PRO A 281 -9.10 -5.57 14.10
CA PRO A 281 -9.09 -6.93 13.56
C PRO A 281 -8.95 -6.95 12.04
N GLU A 282 -8.27 -7.99 11.56
CA GLU A 282 -7.87 -8.05 10.15
C GLU A 282 -9.08 -7.93 9.23
N GLU A 283 -10.13 -8.72 9.49
CA GLU A 283 -11.30 -8.70 8.62
C GLU A 283 -11.96 -7.33 8.61
N ILE A 284 -12.08 -6.71 9.78
CA ILE A 284 -12.65 -5.36 9.86
C ILE A 284 -11.73 -4.34 9.21
N ALA A 285 -10.42 -4.43 9.49
CA ALA A 285 -9.47 -3.49 8.93
C ALA A 285 -9.42 -3.58 7.41
N ARG A 286 -9.49 -4.79 6.87
CA ARG A 286 -9.36 -4.98 5.43
C ARG A 286 -10.53 -4.33 4.68
N LYS A 287 -11.77 -4.58 5.15
CA LYS A 287 -12.93 -4.00 4.50
C LYS A 287 -12.96 -2.48 4.65
N ALA A 288 -12.57 -1.98 5.83
CA ALA A 288 -12.51 -0.54 6.02
C ALA A 288 -11.41 0.11 5.19
N ARG A 289 -10.30 -0.62 4.97
CA ARG A 289 -9.20 -0.05 4.20
C ARG A 289 -9.63 0.27 2.78
N LYS A 290 -10.48 -0.57 2.19
CA LYS A 290 -10.91 -0.34 0.81
C LYS A 290 -11.75 0.92 0.70
N ALA A 291 -12.61 1.17 1.70
CA ALA A 291 -13.43 2.38 1.67
C ALA A 291 -12.60 3.63 1.91
N ILE A 292 -11.67 3.56 2.88
CA ILE A 292 -10.81 4.72 3.16
C ILE A 292 -9.91 5.01 1.97
N GLU A 293 -9.37 3.97 1.34
CA GLU A 293 -8.53 4.17 0.16
C GLU A 293 -9.33 4.73 -1.00
N ARG A 294 -10.56 4.26 -1.19
CA ARG A 294 -11.42 4.82 -2.24
C ARG A 294 -11.66 6.30 -2.01
N MET A 295 -11.84 6.70 -0.75
CA MET A 295 -11.98 8.12 -0.44
C MET A 295 -10.74 8.91 -0.84
N LEU A 296 -9.55 8.34 -0.60
CA LEU A 296 -8.31 9.05 -0.89
C LEU A 296 -8.14 9.28 -2.38
N GLU A 297 -8.55 8.32 -3.20
CA GLU A 297 -8.39 8.43 -4.65
C GLU A 297 -9.54 9.17 -5.32
N MET A 298 -10.68 9.29 -4.66
CA MET A 298 -11.81 10.05 -5.21
C MET A 298 -11.76 11.53 -4.86
N SER A 299 -10.92 11.92 -3.89
CA SER A 299 -10.82 13.31 -3.50
C SER A 299 -9.45 13.88 -3.86
N ASP B 2 -8.08 -19.51 -34.07
CA ASP B 2 -8.70 -20.58 -33.30
CA ASP B 2 -8.69 -20.55 -33.25
C ASP B 2 -7.66 -21.59 -32.83
N LEU B 3 -6.43 -21.12 -32.62
CA LEU B 3 -5.33 -21.98 -32.24
C LEU B 3 -5.44 -22.48 -30.80
N VAL B 4 -6.27 -21.84 -29.97
CA VAL B 4 -6.35 -22.19 -28.55
C VAL B 4 -6.86 -23.61 -28.38
N GLU B 5 -8.01 -23.92 -28.99
CA GLU B 5 -8.60 -25.25 -28.83
C GLU B 5 -7.73 -26.35 -29.44
N GLU B 6 -6.89 -26.01 -30.42
CA GLU B 6 -5.97 -27.00 -30.96
C GLU B 6 -4.85 -27.30 -29.97
N ILE B 7 -4.38 -26.28 -29.25
CA ILE B 7 -3.37 -26.50 -28.22
C ILE B 7 -3.94 -27.35 -27.09
N LEU B 8 -5.17 -27.06 -26.67
CA LEU B 8 -5.80 -27.86 -25.61
C LEU B 8 -6.00 -29.30 -26.04
N ARG B 9 -6.23 -29.54 -27.33
CA ARG B 9 -6.36 -30.91 -27.82
C ARG B 9 -5.02 -31.63 -27.82
N LEU B 10 -3.96 -30.93 -28.25
CA LEU B 10 -2.62 -31.52 -28.21
C LEU B 10 -2.16 -31.73 -26.78
N LYS B 11 -2.49 -30.79 -25.89
CA LYS B 11 -2.11 -30.95 -24.49
C LYS B 11 -2.77 -32.18 -23.87
N GLU B 12 -4.00 -32.50 -24.29
CA GLU B 12 -4.64 -33.72 -23.84
C GLU B 12 -4.04 -34.95 -24.53
N GLU B 13 -3.79 -34.86 -25.83
CA GLU B 13 -3.27 -35.99 -26.58
C GLU B 13 -1.86 -36.36 -26.15
N ARG B 14 -1.03 -35.36 -25.79
CA ARG B 14 0.35 -35.59 -25.41
C ARG B 14 0.53 -35.80 -23.91
N ASN B 15 -0.53 -35.65 -23.11
CA ASN B 15 -0.44 -35.69 -21.65
C ASN B 15 0.62 -34.71 -21.16
N ALA B 16 0.40 -33.44 -21.51
CA ALA B 16 1.36 -32.38 -21.26
C ALA B 16 0.77 -31.31 -20.35
N ILE B 17 1.65 -30.52 -19.75
CA ILE B 17 1.28 -29.37 -18.94
C ILE B 17 2.11 -28.18 -19.41
N ILE B 18 1.58 -26.98 -19.19
CA ILE B 18 2.21 -25.76 -19.64
C ILE B 18 2.56 -24.93 -18.40
N LEU B 19 3.85 -24.86 -18.09
CA LEU B 19 4.36 -24.02 -17.00
C LEU B 19 4.81 -22.69 -17.61
N ALA B 20 4.25 -21.60 -17.12
CA ALA B 20 4.52 -20.28 -17.67
C ALA B 20 4.98 -19.33 -16.57
N HIS B 21 5.84 -18.40 -16.94
CA HIS B 21 6.32 -17.38 -16.02
C HIS B 21 5.37 -16.18 -16.03
N ASN B 22 5.43 -15.39 -14.94
CA ASN B 22 4.58 -14.21 -14.82
C ASN B 22 4.85 -13.19 -15.91
N TYR B 23 6.00 -13.25 -16.57
CA TYR B 23 6.35 -12.30 -17.63
C TYR B 23 5.84 -12.73 -19.01
N GLN B 24 5.10 -13.83 -19.09
CA GLN B 24 4.63 -14.30 -20.39
C GLN B 24 3.45 -13.45 -20.87
N LEU B 25 3.21 -13.51 -22.18
CA LEU B 25 2.14 -12.74 -22.78
C LEU B 25 0.79 -13.17 -22.19
N PRO B 26 -0.19 -12.27 -22.16
CA PRO B 26 -1.51 -12.65 -21.61
C PRO B 26 -2.17 -13.79 -22.36
N GLU B 27 -1.98 -13.86 -23.68
CA GLU B 27 -2.53 -14.97 -24.45
C GLU B 27 -1.88 -16.30 -24.05
N VAL B 28 -0.61 -16.26 -23.67
CA VAL B 28 0.09 -17.47 -23.28
C VAL B 28 -0.37 -17.95 -21.91
N GLN B 29 -0.48 -17.01 -20.96
CA GLN B 29 -0.89 -17.38 -19.60
C GLN B 29 -2.28 -17.99 -19.55
N ASP B 30 -3.14 -17.67 -20.53
CA ASP B 30 -4.51 -18.17 -20.49
C ASP B 30 -4.59 -19.67 -20.78
N ILE B 31 -3.63 -20.21 -21.55
CA ILE B 31 -3.58 -21.64 -21.83
C ILE B 31 -2.63 -22.39 -20.92
N ALA B 32 -1.97 -21.70 -20.00
CA ALA B 32 -1.02 -22.33 -19.10
C ALA B 32 -1.74 -22.99 -17.94
N ASP B 33 -1.16 -24.10 -17.47
CA ASP B 33 -1.70 -24.83 -16.31
C ASP B 33 -1.15 -24.31 -14.99
N PHE B 34 0.02 -23.68 -15.00
CA PHE B 34 0.59 -23.09 -13.80
C PHE B 34 1.36 -21.83 -14.18
N ILE B 35 1.16 -20.77 -13.41
CA ILE B 35 1.81 -19.49 -13.62
C ILE B 35 2.46 -19.07 -12.31
N GLY B 36 3.75 -18.71 -12.36
CA GLY B 36 4.43 -18.30 -11.16
C GLY B 36 5.78 -17.68 -11.47
N ASP B 37 6.57 -17.50 -10.41
CA ASP B 37 7.92 -16.99 -10.53
C ASP B 37 8.91 -18.16 -10.54
N SER B 38 10.20 -17.85 -10.42
CA SER B 38 11.21 -18.91 -10.50
C SER B 38 11.07 -19.90 -9.36
N LEU B 39 10.87 -19.41 -8.14
CA LEU B 39 10.76 -20.32 -6.99
C LEU B 39 9.53 -21.21 -7.12
N GLU B 40 8.39 -20.60 -7.47
CA GLU B 40 7.15 -21.38 -7.59
C GLU B 40 7.22 -22.34 -8.76
N LEU B 41 7.84 -21.93 -9.87
CA LEU B 41 8.02 -22.85 -11.00
C LEU B 41 8.96 -23.99 -10.64
N ALA B 42 9.95 -23.74 -9.79
CA ALA B 42 10.86 -24.80 -9.37
C ALA B 42 10.13 -25.84 -8.52
N ARG B 43 9.36 -25.38 -7.52
CA ARG B 43 8.62 -26.32 -6.68
C ARG B 43 7.57 -27.07 -7.48
N ARG B 44 6.87 -26.39 -8.39
CA ARG B 44 5.87 -27.05 -9.21
C ARG B 44 6.48 -28.15 -10.07
N ALA B 45 7.73 -27.98 -10.48
CA ALA B 45 8.41 -28.98 -11.29
C ALA B 45 8.74 -30.25 -10.50
N THR B 46 8.69 -30.19 -9.17
CA THR B 46 8.97 -31.36 -8.35
C THR B 46 7.74 -32.22 -8.08
N ARG B 47 6.56 -31.79 -8.51
CA ARG B 47 5.33 -32.56 -8.37
C ARG B 47 4.60 -32.62 -9.72
N VAL B 48 5.32 -33.05 -10.74
CA VAL B 48 4.77 -33.21 -12.08
C VAL B 48 4.32 -34.66 -12.25
N ASP B 49 3.03 -34.84 -12.57
CA ASP B 49 2.51 -36.15 -12.89
C ASP B 49 2.37 -36.41 -14.39
N ALA B 50 2.34 -35.35 -15.20
CA ALA B 50 2.24 -35.50 -16.64
C ALA B 50 3.55 -36.01 -17.22
N ASP B 51 3.50 -36.39 -18.50
CA ASP B 51 4.67 -36.92 -19.17
C ASP B 51 5.49 -35.85 -19.88
N VAL B 52 4.84 -34.80 -20.40
CA VAL B 52 5.50 -33.77 -21.19
C VAL B 52 5.33 -32.44 -20.47
N ILE B 53 6.40 -31.66 -20.43
CA ILE B 53 6.41 -30.33 -19.82
C ILE B 53 6.81 -29.33 -20.88
N VAL B 54 5.87 -28.48 -21.29
CA VAL B 54 6.13 -27.39 -22.21
C VAL B 54 6.33 -26.14 -21.37
N PHE B 55 7.55 -25.61 -21.36
CA PHE B 55 7.91 -24.49 -20.49
C PHE B 55 7.77 -23.19 -21.27
N ALA B 56 6.65 -22.48 -21.04
CA ALA B 56 6.45 -21.15 -21.58
C ALA B 56 7.22 -20.16 -20.72
N GLY B 57 8.53 -20.12 -20.96
CA GLY B 57 9.41 -19.26 -20.20
C GLY B 57 10.76 -19.08 -20.88
N VAL B 58 11.81 -19.01 -20.08
CA VAL B 58 13.14 -18.70 -20.57
C VAL B 58 14.02 -19.94 -20.44
N ASP B 59 15.23 -19.87 -21.02
CA ASP B 59 16.05 -21.07 -21.20
C ASP B 59 16.43 -21.71 -19.86
N PHE B 60 16.91 -20.90 -18.90
CA PHE B 60 17.38 -21.50 -17.66
C PHE B 60 16.22 -22.05 -16.83
N MET B 61 15.03 -21.48 -16.98
CA MET B 61 13.86 -22.01 -16.27
C MET B 61 13.46 -23.37 -16.82
N ALA B 62 13.58 -23.55 -18.14
CA ALA B 62 13.23 -24.85 -18.73
C ALA B 62 14.24 -25.92 -18.33
N GLU B 63 15.53 -25.61 -18.38
CA GLU B 63 16.53 -26.61 -18.00
C GLU B 63 16.50 -26.90 -16.51
N THR B 64 16.08 -25.94 -15.70
CA THR B 64 15.88 -26.22 -14.28
C THR B 64 14.79 -27.28 -14.08
N ALA B 65 13.70 -27.17 -14.83
CA ALA B 65 12.66 -28.20 -14.78
C ALA B 65 13.19 -29.54 -15.27
N LYS B 66 14.04 -29.51 -16.31
CA LYS B 66 14.62 -30.74 -16.83
C LYS B 66 15.58 -31.37 -15.81
N ILE B 67 16.31 -30.54 -15.07
CA ILE B 67 17.18 -31.05 -14.02
C ILE B 67 16.37 -31.71 -12.92
N LEU B 68 15.21 -31.14 -12.59
CA LEU B 68 14.33 -31.73 -11.57
C LEU B 68 13.53 -32.91 -12.11
N ASN B 69 13.41 -33.05 -13.43
CA ASN B 69 12.68 -34.15 -14.04
C ASN B 69 13.56 -34.76 -15.13
N PRO B 70 14.56 -35.55 -14.74
CA PRO B 70 15.51 -36.05 -15.74
C PRO B 70 14.90 -37.01 -16.74
N ASP B 71 13.86 -37.75 -16.36
CA ASP B 71 13.27 -38.77 -17.22
C ASP B 71 11.90 -38.34 -17.77
N LYS B 72 11.65 -37.04 -17.84
CA LYS B 72 10.45 -36.52 -18.48
C LYS B 72 10.85 -35.62 -19.63
N VAL B 73 9.97 -35.51 -20.62
CA VAL B 73 10.23 -34.65 -21.78
C VAL B 73 9.92 -33.21 -21.40
N VAL B 74 10.95 -32.37 -21.42
CA VAL B 74 10.82 -30.95 -21.13
C VAL B 74 11.13 -30.17 -22.40
N LEU B 75 10.13 -29.46 -22.91
CA LEU B 75 10.23 -28.75 -24.18
C LEU B 75 10.21 -27.24 -23.95
N ILE B 76 10.96 -26.53 -24.78
CA ILE B 76 10.92 -25.08 -24.82
C ILE B 76 10.53 -24.67 -26.24
N PRO B 77 9.51 -23.83 -26.42
CA PRO B 77 9.04 -23.52 -27.77
C PRO B 77 10.03 -22.76 -28.64
N SER B 78 11.09 -22.19 -28.06
CA SER B 78 12.07 -21.44 -28.84
C SER B 78 13.43 -21.49 -28.14
N ARG B 79 14.47 -21.73 -28.93
CA ARG B 79 15.83 -21.67 -28.39
C ARG B 79 16.27 -20.24 -28.12
N GLU B 80 15.56 -19.25 -28.66
CA GLU B 80 15.94 -17.84 -28.51
C GLU B 80 15.31 -17.19 -27.29
N ALA B 81 14.62 -17.95 -26.45
CA ALA B 81 14.11 -17.44 -25.17
C ALA B 81 15.23 -17.56 -24.15
N THR B 82 16.10 -16.54 -24.11
CA THR B 82 17.27 -16.55 -23.25
C THR B 82 17.22 -15.37 -22.29
N CYS B 83 17.94 -15.52 -21.17
CA CYS B 83 18.02 -14.50 -20.14
C CYS B 83 19.36 -13.77 -20.27
N ALA B 84 19.30 -12.47 -20.52
CA ALA B 84 20.54 -11.71 -20.73
C ALA B 84 21.37 -11.64 -19.47
N MET B 85 20.73 -11.47 -18.31
CA MET B 85 21.47 -11.37 -17.06
C MET B 85 22.18 -12.69 -16.72
N ALA B 86 21.51 -13.82 -16.97
CA ALA B 86 22.12 -15.12 -16.68
C ALA B 86 23.32 -15.39 -17.58
N ASN B 87 23.34 -14.83 -18.78
CA ASN B 87 24.44 -15.07 -19.71
C ASN B 87 25.69 -14.28 -19.33
N MET B 88 25.58 -13.28 -18.46
CA MET B 88 26.76 -12.55 -18.02
C MET B 88 27.61 -13.38 -17.08
N LEU B 89 27.01 -14.33 -16.37
CA LEU B 89 27.73 -15.17 -15.44
C LEU B 89 28.40 -16.33 -16.18
N LYS B 90 29.70 -16.47 -16.00
CA LYS B 90 30.47 -17.53 -16.63
C LYS B 90 31.22 -18.31 -15.55
N VAL B 91 31.57 -19.56 -15.89
CA VAL B 91 32.28 -20.41 -14.96
C VAL B 91 33.62 -19.79 -14.58
N GLU B 92 34.27 -19.09 -15.52
CA GLU B 92 35.56 -18.47 -15.22
C GLU B 92 35.44 -17.41 -14.13
N HIS B 93 34.27 -16.78 -14.00
CA HIS B 93 34.10 -15.77 -12.97
C HIS B 93 34.05 -16.38 -11.58
N ILE B 94 33.45 -17.57 -11.45
CA ILE B 94 33.24 -18.15 -10.13
C ILE B 94 34.54 -18.65 -9.53
N LEU B 95 35.37 -19.34 -10.33
CA LEU B 95 36.62 -19.88 -9.82
C LEU B 95 37.58 -18.80 -9.37
N GLU B 96 37.45 -17.57 -9.89
CA GLU B 96 38.30 -16.47 -9.45
C GLU B 96 38.00 -16.09 -8.02
N ALA B 97 36.76 -15.67 -7.75
CA ALA B 97 36.37 -15.28 -6.39
C ALA B 97 36.52 -16.43 -5.41
N LYS B 98 36.38 -17.67 -5.89
CA LYS B 98 36.58 -18.83 -5.04
C LYS B 98 38.05 -18.98 -4.65
N ARG B 99 38.98 -18.42 -5.42
CA ARG B 99 40.37 -18.37 -5.01
C ARG B 99 40.56 -17.34 -3.90
N LYS B 100 39.89 -16.18 -4.02
CA LYS B 100 39.98 -15.15 -3.00
C LYS B 100 39.46 -15.65 -1.67
N TYR B 101 38.29 -16.31 -1.68
CA TYR B 101 37.63 -16.78 -0.47
C TYR B 101 37.29 -18.25 -0.66
N PRO B 102 38.27 -19.15 -0.44
CA PRO B 102 38.01 -20.58 -0.66
C PRO B 102 36.99 -21.16 0.31
N ASN B 103 36.81 -20.56 1.49
CA ASN B 103 35.86 -21.04 2.47
C ASN B 103 34.49 -20.37 2.36
N ALA B 104 34.33 -19.42 1.43
CA ALA B 104 33.04 -18.74 1.28
C ALA B 104 32.13 -19.56 0.38
N PRO B 105 30.87 -19.78 0.78
CA PRO B 105 29.97 -20.57 -0.07
C PRO B 105 29.58 -19.81 -1.32
N VAL B 106 29.34 -20.56 -2.39
CA VAL B 106 28.91 -20.00 -3.66
C VAL B 106 27.38 -20.06 -3.71
N VAL B 107 26.75 -18.90 -3.86
CA VAL B 107 25.30 -18.79 -3.91
C VAL B 107 24.94 -18.15 -5.24
N LEU B 108 24.31 -18.92 -6.12
CA LEU B 108 24.01 -18.47 -7.47
C LEU B 108 22.50 -18.30 -7.67
N TYR B 109 22.14 -17.23 -8.35
CA TYR B 109 20.77 -17.04 -8.81
C TYR B 109 20.34 -18.22 -9.66
N VAL B 110 19.05 -18.56 -9.59
CA VAL B 110 18.50 -19.53 -10.54
C VAL B 110 18.71 -19.03 -11.96
N ASN B 111 18.66 -17.71 -12.16
CA ASN B 111 19.06 -17.09 -13.42
C ASN B 111 20.54 -17.34 -13.68
N SER B 112 20.86 -18.56 -14.12
CA SER B 112 22.25 -18.94 -14.37
C SER B 112 22.25 -20.18 -15.26
N THR B 113 23.40 -20.48 -15.83
CA THR B 113 23.53 -21.66 -16.67
C THR B 113 23.66 -22.91 -15.81
N ALA B 114 23.29 -24.05 -16.39
CA ALA B 114 23.43 -25.32 -15.68
C ALA B 114 24.90 -25.61 -15.35
N GLU B 115 25.83 -25.18 -16.22
CA GLU B 115 27.24 -25.35 -15.92
C GLU B 115 27.65 -24.52 -14.71
N ALA B 116 27.13 -23.30 -14.59
CA ALA B 116 27.46 -22.46 -13.45
C ALA B 116 26.93 -23.05 -12.15
N LYS B 117 25.72 -23.60 -12.18
CA LYS B 117 25.14 -24.21 -10.98
C LYS B 117 25.97 -25.36 -10.44
N ALA B 118 26.84 -25.96 -11.26
CA ALA B 118 27.67 -27.07 -10.80
C ALA B 118 28.67 -26.62 -9.74
N TYR B 119 29.14 -25.37 -9.81
CA TYR B 119 30.12 -24.86 -8.87
C TYR B 119 29.50 -24.12 -7.69
N ALA B 120 28.19 -24.17 -7.55
CA ALA B 120 27.49 -23.48 -6.48
C ALA B 120 27.09 -24.45 -5.38
N ASP B 121 27.15 -23.99 -4.13
CA ASP B 121 26.70 -24.80 -3.01
C ASP B 121 25.19 -24.84 -2.89
N VAL B 122 24.52 -23.76 -3.30
CA VAL B 122 23.06 -23.67 -3.23
C VAL B 122 22.61 -22.54 -4.15
N THR B 123 21.44 -22.71 -4.74
CA THR B 123 20.82 -21.69 -5.58
C THR B 123 19.86 -20.84 -4.77
N VAL B 124 19.45 -19.71 -5.35
CA VAL B 124 18.44 -18.83 -4.76
C VAL B 124 17.59 -18.23 -5.86
N THR B 125 16.44 -17.70 -5.46
CA THR B 125 15.62 -16.81 -6.27
C THR B 125 15.46 -15.50 -5.51
N SER B 126 14.85 -14.52 -6.16
CA SER B 126 14.68 -13.23 -5.49
C SER B 126 13.64 -13.30 -4.36
N ALA B 127 12.94 -14.42 -4.21
CA ALA B 127 11.98 -14.56 -3.13
C ALA B 127 12.57 -15.16 -1.86
N ASN B 128 13.57 -16.03 -1.99
CA ASN B 128 14.15 -16.72 -0.84
C ASN B 128 15.62 -16.38 -0.62
N ALA B 129 16.16 -15.40 -1.35
CA ALA B 129 17.60 -15.12 -1.28
C ALA B 129 18.01 -14.69 0.12
N VAL B 130 17.25 -13.80 0.75
CA VAL B 130 17.60 -13.34 2.09
C VAL B 130 17.53 -14.49 3.09
N GLU B 131 16.50 -15.32 3.00
CA GLU B 131 16.36 -16.42 3.94
C GLU B 131 17.50 -17.42 3.79
N VAL B 132 17.89 -17.73 2.56
CA VAL B 132 18.94 -18.72 2.35
C VAL B 132 20.29 -18.20 2.82
N VAL B 133 20.64 -16.96 2.44
CA VAL B 133 21.94 -16.41 2.79
C VAL B 133 22.07 -16.21 4.30
N LYS B 134 20.96 -15.89 4.97
CA LYS B 134 21.02 -15.69 6.41
C LYS B 134 21.28 -17.01 7.15
N LYS B 135 20.80 -18.13 6.60
CA LYS B 135 20.94 -19.43 7.24
C LYS B 135 22.31 -20.06 7.04
N LEU B 136 23.14 -19.52 6.16
CA LEU B 136 24.45 -20.10 5.92
C LEU B 136 25.37 -19.87 7.12
N ASP B 137 26.19 -20.88 7.44
CA ASP B 137 27.12 -20.77 8.55
C ASP B 137 28.09 -19.62 8.37
N SER B 138 28.50 -19.34 7.14
CA SER B 138 29.52 -18.34 6.87
C SER B 138 28.96 -16.92 6.98
N ASP B 139 29.88 -15.98 7.09
CA ASP B 139 29.55 -14.55 7.09
C ASP B 139 30.03 -13.85 5.82
N VAL B 140 30.74 -14.56 4.94
CA VAL B 140 31.19 -14.03 3.66
C VAL B 140 30.64 -14.95 2.57
N VAL B 141 29.91 -14.37 1.62
CA VAL B 141 29.15 -15.13 0.63
C VAL B 141 29.49 -14.63 -0.77
N ILE B 142 29.71 -15.57 -1.69
CA ILE B 142 29.88 -15.26 -3.10
C ILE B 142 28.51 -15.38 -3.78
N PHE B 143 28.07 -14.30 -4.41
CA PHE B 143 26.72 -14.20 -4.96
C PHE B 143 26.79 -13.73 -6.40
N GLY B 144 25.86 -14.23 -7.23
CA GLY B 144 25.82 -13.85 -8.62
C GLY B 144 24.62 -14.41 -9.36
N PRO B 145 24.34 -13.88 -10.55
CA PRO B 145 25.10 -12.79 -11.19
C PRO B 145 24.58 -11.38 -10.92
N ASP B 146 23.32 -11.25 -10.52
CA ASP B 146 22.71 -9.93 -10.41
C ASP B 146 23.26 -9.18 -9.20
N LYS B 147 23.95 -8.07 -9.45
CA LYS B 147 24.54 -7.29 -8.37
C LYS B 147 23.54 -6.40 -7.66
N ASN B 148 22.40 -6.09 -8.29
CA ASN B 148 21.38 -5.32 -7.61
C ASN B 148 20.66 -6.16 -6.56
N LEU B 149 20.38 -7.43 -6.88
CA LEU B 149 19.89 -8.34 -5.84
C LEU B 149 20.96 -8.57 -4.78
N ALA B 150 22.22 -8.67 -5.19
CA ALA B 150 23.30 -8.82 -4.24
C ALA B 150 23.34 -7.66 -3.24
N HIS B 151 23.08 -6.44 -3.73
CA HIS B 151 22.98 -5.30 -2.83
C HIS B 151 21.83 -5.46 -1.85
N TYR B 152 20.65 -5.83 -2.35
CA TYR B 152 19.50 -6.02 -1.48
C TYR B 152 19.76 -7.13 -0.46
N VAL B 153 20.35 -8.24 -0.90
CA VAL B 153 20.68 -9.32 0.02
C VAL B 153 21.70 -8.85 1.05
N ALA B 154 22.67 -8.05 0.62
CA ALA B 154 23.67 -7.54 1.55
C ALA B 154 23.05 -6.61 2.58
N LYS B 155 22.06 -5.81 2.17
CA LYS B 155 21.43 -4.87 3.09
C LYS B 155 20.59 -5.59 4.13
N MET B 156 19.96 -6.71 3.76
CA MET B 156 19.03 -7.38 4.65
C MET B 156 19.72 -8.39 5.56
N THR B 157 20.87 -8.94 5.15
CA THR B 157 21.59 -9.91 5.97
C THR B 157 22.80 -9.31 6.67
N GLY B 158 23.34 -8.20 6.16
CA GLY B 158 24.52 -7.62 6.76
C GLY B 158 25.79 -8.41 6.57
N LYS B 159 25.79 -9.37 5.65
CA LYS B 159 26.94 -10.21 5.39
C LYS B 159 27.76 -9.70 4.22
N LYS B 160 29.03 -10.08 4.18
N LYS B 160 29.03 -10.08 4.18
CA LYS B 160 29.93 -9.69 3.12
CA LYS B 160 29.93 -9.69 3.12
C LYS B 160 29.54 -10.41 1.83
C LYS B 160 29.54 -10.41 1.83
N ILE B 161 28.96 -9.67 0.89
CA ILE B 161 28.50 -10.23 -0.37
C ILE B 161 29.45 -9.80 -1.48
N ILE B 162 30.04 -10.78 -2.17
CA ILE B 162 30.97 -10.56 -3.27
C ILE B 162 30.23 -10.90 -4.57
N PRO B 163 29.99 -9.93 -5.45
CA PRO B 163 29.25 -10.23 -6.68
C PRO B 163 30.13 -10.87 -7.74
N VAL B 164 29.56 -11.84 -8.46
CA VAL B 164 30.22 -12.46 -9.60
C VAL B 164 29.24 -12.51 -10.77
N PRO B 165 29.49 -11.79 -11.86
CA PRO B 165 30.65 -10.90 -12.03
C PRO B 165 30.46 -9.56 -11.31
N SER B 166 31.31 -8.58 -11.64
CA SER B 166 31.25 -7.30 -10.96
C SER B 166 30.05 -6.48 -11.41
N LYS B 167 29.70 -6.55 -12.69
CA LYS B 167 28.64 -5.72 -13.26
C LYS B 167 27.47 -6.56 -13.80
N GLY B 168 27.24 -7.73 -13.23
CA GLY B 168 26.10 -8.54 -13.63
C GLY B 168 24.80 -7.83 -13.28
N HIS B 169 23.91 -7.72 -14.27
CA HIS B 169 22.67 -6.97 -14.09
C HIS B 169 21.68 -7.41 -15.16
N CYS B 170 20.43 -6.98 -14.97
CA CYS B 170 19.34 -7.21 -15.91
C CYS B 170 18.95 -5.89 -16.56
N TYR B 171 18.90 -5.88 -17.89
CA TYR B 171 18.68 -4.61 -18.60
C TYR B 171 17.24 -4.13 -18.48
N VAL B 172 16.28 -5.04 -18.29
CA VAL B 172 14.90 -4.60 -18.23
C VAL B 172 14.59 -3.93 -16.90
N HIS B 173 15.24 -4.35 -15.82
CA HIS B 173 15.00 -3.76 -14.51
C HIS B 173 15.88 -2.53 -14.23
N GLN B 174 17.02 -2.41 -14.91
CA GLN B 174 17.85 -1.23 -14.76
C GLN B 174 17.32 -0.04 -15.56
N LYS B 175 16.22 -0.21 -16.30
CA LYS B 175 15.59 0.92 -16.97
C LYS B 175 14.91 1.87 -15.98
N PHE B 176 14.60 1.40 -14.78
CA PHE B 176 13.88 2.22 -13.81
C PHE B 176 14.85 3.17 -13.11
N THR B 177 14.46 4.44 -13.01
CA THR B 177 15.27 5.48 -12.38
C THR B 177 14.43 6.21 -11.35
N LEU B 178 15.09 7.11 -10.61
CA LEU B 178 14.36 7.96 -9.67
C LEU B 178 13.38 8.88 -10.39
N ASP B 179 13.62 9.19 -11.66
CA ASP B 179 12.64 9.98 -12.41
C ASP B 179 11.35 9.20 -12.63
N ASP B 180 11.45 7.88 -12.79
CA ASP B 180 10.25 7.05 -12.88
C ASP B 180 9.52 7.02 -11.55
N VAL B 181 10.26 6.97 -10.45
CA VAL B 181 9.64 6.99 -9.12
C VAL B 181 8.93 8.31 -8.88
N GLU B 182 9.56 9.43 -9.27
CA GLU B 182 8.93 10.73 -9.08
C GLU B 182 7.72 10.91 -9.98
N ARG B 183 7.79 10.37 -11.21
CA ARG B 183 6.63 10.43 -12.09
C ARG B 183 5.47 9.61 -11.53
N ALA B 184 5.77 8.48 -10.88
CA ALA B 184 4.71 7.66 -10.30
C ALA B 184 4.00 8.38 -9.16
N LYS B 185 4.76 9.10 -8.33
CA LYS B 185 4.15 9.82 -7.22
C LYS B 185 3.32 11.00 -7.71
N LYS B 186 3.69 11.59 -8.87
CA LYS B 186 2.90 12.67 -9.42
C LYS B 186 1.61 12.16 -10.05
N LEU B 187 1.71 11.14 -10.92
CA LEU B 187 0.55 10.67 -11.64
C LEU B 187 -0.39 9.86 -10.74
N HIS B 188 0.15 9.13 -9.77
CA HIS B 188 -0.63 8.25 -8.90
C HIS B 188 -0.18 8.46 -7.46
N PRO B 189 -0.54 9.60 -6.85
CA PRO B 189 -0.05 9.90 -5.50
C PRO B 189 -0.61 8.98 -4.42
N ASN B 190 -1.70 8.27 -4.69
CA ASN B 190 -2.29 7.38 -3.70
C ASN B 190 -1.84 5.94 -3.83
N ALA B 191 -1.07 5.60 -4.86
CA ALA B 191 -0.62 4.24 -5.07
C ALA B 191 0.64 3.96 -4.27
N LYS B 192 0.82 2.70 -3.90
CA LYS B 192 2.07 2.22 -3.32
C LYS B 192 2.99 1.70 -4.43
N LEU B 193 4.29 1.72 -4.15
CA LEU B 193 5.30 1.36 -5.14
C LEU B 193 5.71 -0.10 -4.94
N MET B 194 5.50 -0.90 -5.98
CA MET B 194 5.83 -2.32 -6.01
C MET B 194 7.09 -2.49 -6.86
N ILE B 195 8.23 -2.78 -6.22
CA ILE B 195 9.53 -2.69 -6.88
C ILE B 195 10.28 -4.01 -6.73
N HIS B 196 10.77 -4.54 -7.86
CA HIS B 196 11.53 -5.78 -7.93
C HIS B 196 12.96 -5.55 -7.43
N PRO B 197 13.53 -6.50 -6.68
CA PRO B 197 14.88 -6.31 -6.14
C PRO B 197 15.97 -6.24 -7.20
N GLN B 198 15.68 -6.58 -8.45
CA GLN B 198 16.67 -6.41 -9.51
C GLN B 198 16.82 -4.96 -9.96
N CYS B 199 16.03 -4.04 -9.39
CA CYS B 199 16.19 -2.63 -9.68
C CYS B 199 17.43 -2.08 -8.98
N ILE B 200 17.89 -0.91 -9.43
CA ILE B 200 19.08 -0.29 -8.88
C ILE B 200 18.79 0.14 -7.44
N PRO B 201 19.80 0.21 -6.57
CA PRO B 201 19.55 0.55 -5.16
C PRO B 201 18.81 1.87 -4.97
N GLU B 202 19.02 2.83 -5.87
N GLU B 202 19.00 2.83 -5.87
CA GLU B 202 18.32 4.11 -5.76
CA GLU B 202 18.31 4.11 -5.74
C GLU B 202 16.81 3.92 -5.83
C GLU B 202 16.80 3.94 -5.84
N VAL B 203 16.36 3.05 -6.73
CA VAL B 203 14.92 2.80 -6.88
C VAL B 203 14.41 1.91 -5.75
N GLN B 204 15.24 1.00 -5.25
CA GLN B 204 14.80 0.12 -4.17
C GLN B 204 14.46 0.91 -2.91
N GLU B 205 15.26 1.93 -2.58
CA GLU B 205 15.05 2.69 -1.36
C GLU B 205 13.69 3.38 -1.31
N LYS B 206 13.07 3.63 -2.47
CA LYS B 206 11.79 4.31 -2.55
C LYS B 206 10.61 3.35 -2.59
N ALA B 207 10.83 2.06 -2.36
CA ALA B 207 9.77 1.07 -2.52
C ALA B 207 8.86 1.03 -1.30
N ASP B 208 7.60 0.68 -1.54
CA ASP B 208 6.71 0.29 -0.46
C ASP B 208 6.91 -1.17 -0.11
N ILE B 209 7.04 -2.04 -1.11
CA ILE B 209 7.41 -3.43 -0.92
C ILE B 209 8.52 -3.77 -1.90
N ILE B 210 9.45 -4.62 -1.46
CA ILE B 210 10.46 -5.20 -2.34
C ILE B 210 10.21 -6.70 -2.36
N ALA B 211 9.96 -7.25 -3.54
CA ALA B 211 9.59 -8.65 -3.63
C ALA B 211 9.77 -9.13 -5.06
N SER B 212 9.90 -10.45 -5.20
CA SER B 212 9.80 -11.10 -6.50
C SER B 212 8.38 -10.98 -7.02
N THR B 213 8.17 -11.43 -8.27
CA THR B 213 6.83 -11.42 -8.83
C THR B 213 5.87 -12.30 -8.02
N GLY B 214 6.38 -13.38 -7.43
CA GLY B 214 5.55 -14.16 -6.52
C GLY B 214 5.19 -13.39 -5.27
N GLY B 215 6.16 -12.68 -4.68
CA GLY B 215 5.87 -11.83 -3.54
C GLY B 215 5.00 -10.64 -3.88
N MET B 216 5.07 -10.20 -5.14
CA MET B 216 4.21 -9.09 -5.57
C MET B 216 2.75 -9.50 -5.61
N ILE B 217 2.48 -10.72 -6.05
CA ILE B 217 1.10 -11.23 -6.10
C ILE B 217 0.54 -11.38 -4.69
N LYS B 218 1.33 -11.90 -3.76
CA LYS B 218 0.85 -12.13 -2.40
C LYS B 218 0.61 -10.82 -1.68
N ARG B 219 1.59 -9.92 -1.68
CA ARG B 219 1.50 -8.68 -0.93
C ARG B 219 0.65 -7.61 -1.62
N ALA B 220 0.16 -7.88 -2.84
CA ALA B 220 -0.74 -6.94 -3.49
C ALA B 220 -2.04 -6.78 -2.72
N CYS B 221 -2.40 -7.75 -1.87
CA CYS B 221 -3.62 -7.68 -1.10
C CYS B 221 -3.59 -6.59 -0.03
N GLU B 222 -2.44 -5.94 0.17
CA GLU B 222 -2.31 -4.92 1.21
C GLU B 222 -2.80 -3.55 0.78
N TRP B 223 -2.98 -3.34 -0.52
CA TRP B 223 -3.40 -2.04 -1.05
C TRP B 223 -4.02 -2.28 -2.42
N ASP B 224 -4.85 -1.33 -2.85
CA ASP B 224 -5.65 -1.51 -4.06
C ASP B 224 -5.14 -0.70 -5.25
N GLU B 225 -4.01 -0.03 -5.13
CA GLU B 225 -3.45 0.73 -6.25
C GLU B 225 -1.93 0.64 -6.17
N TRP B 226 -1.30 0.18 -7.25
CA TRP B 226 0.15 -0.03 -7.27
C TRP B 226 0.74 0.47 -8.58
N VAL B 227 1.95 1.01 -8.49
CA VAL B 227 2.82 1.24 -9.64
C VAL B 227 3.85 0.12 -9.65
N VAL B 228 3.96 -0.59 -10.77
CA VAL B 228 4.69 -1.85 -10.84
C VAL B 228 6.06 -1.61 -11.46
N PHE B 229 7.11 -1.85 -10.67
CA PHE B 229 8.49 -1.63 -11.12
C PHE B 229 9.15 -2.96 -11.45
N THR B 230 8.64 -3.58 -12.51
CA THR B 230 9.22 -4.81 -13.05
C THR B 230 8.73 -4.95 -14.49
N GLU B 231 8.94 -6.12 -15.08
CA GLU B 231 8.57 -6.34 -16.48
C GLU B 231 7.08 -6.06 -16.70
N ARG B 232 6.76 -5.50 -17.87
CA ARG B 232 5.43 -4.94 -18.08
C ARG B 232 4.35 -6.00 -18.03
N GLU B 233 4.62 -7.21 -18.52
CA GLU B 233 3.59 -8.23 -18.57
C GLU B 233 3.07 -8.60 -17.18
N MET B 234 3.86 -8.33 -16.13
CA MET B 234 3.41 -8.56 -14.77
C MET B 234 2.17 -7.74 -14.45
N VAL B 235 2.02 -6.57 -15.09
CA VAL B 235 0.85 -5.72 -14.83
C VAL B 235 -0.42 -6.42 -15.28
N TYR B 236 -0.37 -7.08 -16.44
CA TYR B 236 -1.54 -7.81 -16.91
C TYR B 236 -1.83 -9.03 -16.06
N ARG B 237 -0.79 -9.66 -15.51
CA ARG B 237 -0.99 -10.76 -14.58
C ARG B 237 -1.69 -10.29 -13.31
N LEU B 238 -1.29 -9.14 -12.78
CA LEU B 238 -1.91 -8.61 -11.57
C LEU B 238 -3.36 -8.22 -11.82
N ARG B 239 -3.65 -7.65 -13.00
CA ARG B 239 -5.02 -7.24 -13.32
C ARG B 239 -5.95 -8.45 -13.39
N LYS B 240 -5.47 -9.57 -13.94
CA LYS B 240 -6.31 -10.76 -14.00
C LYS B 240 -6.62 -11.27 -12.60
N LEU B 241 -5.60 -11.35 -11.74
CA LEU B 241 -5.80 -11.90 -10.40
C LEU B 241 -6.64 -10.98 -9.53
N TYR B 242 -6.53 -9.67 -9.70
CA TYR B 242 -7.24 -8.69 -8.87
C TYR B 242 -7.98 -7.70 -9.76
N PRO B 243 -9.11 -8.11 -10.34
CA PRO B 243 -9.89 -7.18 -11.16
C PRO B 243 -10.38 -5.95 -10.42
N GLN B 244 -10.48 -6.04 -9.08
CA GLN B 244 -10.98 -4.92 -8.28
C GLN B 244 -9.89 -3.90 -7.94
N LYS B 245 -8.62 -4.22 -8.19
CA LYS B 245 -7.51 -3.32 -7.93
C LYS B 245 -7.09 -2.60 -9.21
N LYS B 246 -6.13 -1.69 -9.07
CA LYS B 246 -5.57 -0.96 -10.20
C LYS B 246 -4.06 -1.09 -10.19
N PHE B 247 -3.48 -1.34 -11.37
CA PHE B 247 -2.05 -1.50 -11.53
C PHE B 247 -1.57 -0.71 -12.75
N TYR B 248 -0.45 -0.02 -12.58
CA TYR B 248 0.13 0.79 -13.64
C TYR B 248 1.59 0.42 -13.83
N PRO B 249 2.04 0.31 -15.08
CA PRO B 249 3.48 0.09 -15.31
C PRO B 249 4.26 1.36 -15.02
N ALA B 250 5.39 1.18 -14.30
CA ALA B 250 6.26 2.31 -14.02
C ALA B 250 6.88 2.87 -15.29
N ARG B 251 7.17 2.01 -16.27
CA ARG B 251 7.65 2.44 -17.58
C ARG B 251 6.90 1.68 -18.66
N GLU B 252 6.73 2.34 -19.81
CA GLU B 252 6.07 1.71 -20.94
C GLU B 252 7.01 0.87 -21.79
N ASP B 253 8.32 0.89 -21.51
CA ASP B 253 9.29 0.20 -22.35
C ASP B 253 10.02 -0.92 -21.59
N ALA B 254 9.48 -1.35 -20.46
CA ALA B 254 10.11 -2.41 -19.66
C ALA B 254 9.63 -3.77 -20.17
N PHE B 255 10.20 -4.19 -21.31
CA PHE B 255 9.86 -5.45 -21.95
C PHE B 255 11.09 -6.35 -22.00
N CYS B 256 10.90 -7.63 -21.65
CA CYS B 256 11.97 -8.62 -21.77
C CYS B 256 11.82 -9.33 -23.11
N ILE B 257 12.79 -9.12 -24.00
CA ILE B 257 12.74 -9.74 -25.33
C ILE B 257 12.78 -11.25 -25.22
N GLY B 258 13.59 -11.77 -24.29
CA GLY B 258 13.72 -13.22 -24.17
C GLY B 258 12.41 -13.90 -23.80
N MET B 259 11.59 -13.23 -22.97
CA MET B 259 10.29 -13.79 -22.63
C MET B 259 9.32 -13.72 -23.81
N LYS B 260 9.41 -12.68 -24.63
CA LYS B 260 8.53 -12.52 -25.79
C LYS B 260 8.83 -13.52 -26.90
N ALA B 261 9.95 -14.24 -26.84
CA ALA B 261 10.23 -15.27 -27.83
C ALA B 261 9.21 -16.39 -27.79
N ILE B 262 8.54 -16.58 -26.66
CA ILE B 262 7.47 -17.56 -26.53
C ILE B 262 6.18 -16.93 -26.98
N THR B 263 5.48 -17.58 -27.92
CA THR B 263 4.23 -17.08 -28.44
C THR B 263 3.18 -18.19 -28.37
N LEU B 264 1.93 -17.80 -28.67
CA LEU B 264 0.88 -18.79 -28.76
C LEU B 264 1.11 -19.76 -29.92
N LYS B 265 1.73 -19.29 -31.00
CA LYS B 265 1.87 -20.11 -32.19
C LYS B 265 2.94 -21.18 -32.01
N ASN B 266 4.12 -20.80 -31.50
CA ASN B 266 5.17 -21.79 -31.34
C ASN B 266 4.93 -22.71 -30.14
N ILE B 267 4.02 -22.35 -29.24
CA ILE B 267 3.58 -23.29 -28.22
C ILE B 267 2.78 -24.41 -28.86
N TYR B 268 1.90 -24.08 -29.81
CA TYR B 268 1.22 -25.10 -30.59
C TYR B 268 2.21 -25.96 -31.38
N GLU B 269 3.22 -25.32 -31.98
CA GLU B 269 4.24 -26.07 -32.70
C GLU B 269 5.16 -26.83 -31.75
N SER B 270 5.29 -26.37 -30.51
CA SER B 270 6.08 -27.11 -29.52
C SER B 270 5.44 -28.45 -29.18
N LEU B 271 4.12 -28.52 -29.20
CA LEU B 271 3.40 -29.77 -28.95
C LEU B 271 3.21 -30.59 -30.22
N LYS B 272 3.03 -29.95 -31.37
CA LYS B 272 2.83 -30.69 -32.61
C LYS B 272 4.11 -31.37 -33.07
N ASP B 273 5.25 -30.68 -32.94
CA ASP B 273 6.52 -31.19 -33.39
C ASP B 273 7.37 -31.78 -32.27
N MET B 274 6.97 -31.59 -31.01
CA MET B 274 7.72 -32.05 -29.84
C MET B 274 9.13 -31.46 -29.83
N LYS B 275 9.20 -30.15 -30.03
CA LYS B 275 10.45 -29.40 -29.99
C LYS B 275 10.24 -28.18 -29.09
N TYR B 276 11.32 -27.69 -28.47
CA TYR B 276 12.65 -28.30 -28.55
C TYR B 276 12.98 -28.99 -27.24
N LYS B 277 13.54 -30.19 -27.34
CA LYS B 277 13.85 -30.98 -26.15
C LYS B 277 15.01 -30.35 -25.40
N VAL B 278 14.78 -30.02 -24.14
CA VAL B 278 15.82 -29.47 -23.27
C VAL B 278 16.60 -30.63 -22.65
N GLU B 279 17.92 -30.58 -22.77
CA GLU B 279 18.77 -31.66 -22.31
C GLU B 279 19.91 -31.10 -21.48
N VAL B 280 20.20 -31.76 -20.36
CA VAL B 280 21.30 -31.41 -19.48
C VAL B 280 22.18 -32.65 -19.34
N PRO B 281 23.49 -32.53 -19.52
CA PRO B 281 24.36 -33.70 -19.34
C PRO B 281 24.28 -34.26 -17.93
N GLU B 282 24.46 -35.58 -17.82
CA GLU B 282 24.27 -36.26 -16.54
C GLU B 282 25.26 -35.77 -15.49
N GLU B 283 26.49 -35.49 -15.91
CA GLU B 283 27.49 -34.99 -14.96
C GLU B 283 27.13 -33.60 -14.47
N ILE B 284 26.70 -32.72 -15.38
CA ILE B 284 26.31 -31.37 -14.99
C ILE B 284 25.02 -31.41 -14.19
N ALA B 285 24.09 -32.30 -14.56
CA ALA B 285 22.81 -32.37 -13.88
C ALA B 285 22.96 -32.76 -12.41
N ARG B 286 23.89 -33.68 -12.12
CA ARG B 286 24.05 -34.16 -10.75
C ARG B 286 24.49 -33.02 -9.83
N LYS B 287 25.48 -32.24 -10.26
CA LYS B 287 25.99 -31.16 -9.40
C LYS B 287 25.01 -30.00 -9.30
N ALA B 288 24.22 -29.77 -10.35
CA ALA B 288 23.23 -28.69 -10.30
C ALA B 288 22.00 -29.09 -9.50
N ARG B 289 21.60 -30.36 -9.60
CA ARG B 289 20.43 -30.83 -8.85
CA ARG B 289 20.43 -30.83 -8.85
C ARG B 289 20.66 -30.76 -7.35
N LYS B 290 21.91 -30.92 -6.91
CA LYS B 290 22.21 -30.82 -5.48
C LYS B 290 21.99 -29.41 -4.95
N ALA B 291 22.42 -28.40 -5.72
CA ALA B 291 22.24 -27.03 -5.28
C ALA B 291 20.78 -26.59 -5.31
N ILE B 292 20.01 -27.13 -6.25
CA ILE B 292 18.61 -26.72 -6.38
C ILE B 292 17.77 -27.28 -5.25
N GLU B 293 17.92 -28.57 -4.96
CA GLU B 293 17.15 -29.18 -3.88
C GLU B 293 17.59 -28.70 -2.51
N ARG B 294 18.82 -28.19 -2.40
CA ARG B 294 19.22 -27.53 -1.16
C ARG B 294 18.53 -26.19 -1.00
N MET B 295 18.22 -25.52 -2.12
CA MET B 295 17.46 -24.28 -2.06
C MET B 295 16.06 -24.53 -1.53
N LEU B 296 15.36 -25.51 -2.12
CA LEU B 296 14.03 -25.87 -1.64
C LEU B 296 14.08 -26.35 -0.19
N GLU B 297 15.21 -26.93 0.22
CA GLU B 297 15.36 -27.39 1.59
C GLU B 297 15.33 -26.22 2.57
N MET B 298 15.96 -25.11 2.23
CA MET B 298 16.11 -23.98 3.13
C MET B 298 15.06 -22.90 2.90
N SER B 299 13.99 -23.22 2.18
CA SER B 299 12.91 -22.25 1.96
C SER B 299 11.56 -22.95 1.86
FE1 SF4 C . -18.18 16.50 17.76
FE2 SF4 C . -15.44 16.18 16.45
FE3 SF4 C . -16.87 13.72 17.64
FE4 SF4 C . -15.74 15.86 19.51
S1 SF4 C . -14.90 14.64 17.90
S2 SF4 C . -17.71 14.95 19.24
S3 SF4 C . -16.22 17.44 18.06
S4 SF4 C . -17.40 15.24 16.16
C ACT D . -8.05 16.85 -4.10
O ACT D . -7.30 16.44 -5.02
OXT ACT D . -7.82 16.42 -2.96
CH3 ACT D . -9.17 17.81 -4.38
OAD 5XW E . -15.61 15.61 13.05
CAC 5XW E . -14.84 16.54 13.38
OAE 5XW E . -14.13 16.49 14.40
CAA 5XW E . -14.76 17.81 12.47
CAB 5XW E . -13.81 17.63 11.29
CAG 5XW E . -12.86 18.86 11.08
OAI 5XW E . -11.69 18.78 11.48
OAH 5XW E . -13.37 19.87 10.49
NAF 5XW E . -13.81 16.55 10.53
CAJ 5XW E . -13.10 16.14 9.42
OAN 5XW E . -13.86 15.41 8.49
CAK 5XW E . -12.33 17.22 8.69
CAL 5XW E . -11.48 16.59 7.59
OAM 5XW E . -11.55 17.02 6.46
CL CL F . 7.02 10.42 9.33
FE1 SF4 G . 15.85 -9.56 -16.89
FE2 SF4 G . 14.30 -11.19 -19.00
FE3 SF4 G . 14.03 -11.89 -16.00
FE4 SF4 G . 16.64 -12.47 -17.47
S1 SF4 G . 14.55 -12.99 -17.82
S2 SF4 G . 16.12 -11.35 -15.66
S3 SF4 G . 16.40 -10.68 -18.70
S4 SF4 G . 13.74 -10.07 -17.21
C ACT H . -4.14 12.71 -8.98
O ACT H . -4.34 11.48 -9.14
OXT ACT H . -3.55 13.29 -9.91
CH3 ACT H . -4.57 13.42 -7.73
OAI 5XR I . 12.67 -13.28 -14.69
CAH 5XR I . 13.11 -13.43 -13.52
OAJ 5XR I . 14.28 -13.05 -13.24
CAD 5XR I . 12.22 -14.02 -12.45
CAB 5XR I . 12.07 -13.09 -11.27
CAA 5XR I . 10.64 -13.12 -10.79
OAG 5XR I . 9.78 -13.84 -11.36
OAF 5XR I . 10.31 -12.40 -9.81
OAC 5XR I . 12.32 -11.80 -11.76
NAE 5XR I . 12.89 -13.59 -10.22
CAK 5XR I . 12.51 -14.87 -9.72
OAO 5XR I . 13.65 -15.51 -9.21
CAL 5XR I . 11.68 -14.83 -8.46
CAM 5XR I . 11.38 -16.21 -7.92
OAN 5XR I . 11.04 -16.35 -6.77
CL CL J . 1.40 -32.25 -13.29
#